data_3SUK
#
_entry.id   3SUK
#
_cell.length_a   29.460
_cell.length_b   85.960
_cell.length_c   43.560
_cell.angle_alpha   90.00
_cell.angle_beta   106.82
_cell.angle_gamma   90.00
#
_symmetry.space_group_name_H-M   'P 1 21 1'
#
loop_
_entity.id
_entity.type
_entity.pdbx_description
1 polymer 'Cerato-platanin-like protein'
2 water water
#
_entity_poly.entity_id   1
_entity_poly.type   'polypeptide(L)'
_entity_poly.pdbx_seq_one_letter_code
;SGAVQLRFDNTYDNASGSMNTVACSTGANGLSQRFPTFGSVPTFPHIGASSDIGGFNSPACGNCYTISFTFQGVTRSINL
VAIDHAGNGFNVAQAAMDELTNGNAVALGTIDVQSQQVARSVCGL
;
_entity_poly.pdbx_strand_id   A,B
#
# COMPACT_ATOMS: atom_id res chain seq x y z
N GLY A 2 19.65 -7.64 -19.63
CA GLY A 2 19.67 -6.20 -19.44
C GLY A 2 18.64 -5.75 -18.38
N ALA A 3 18.74 -4.52 -17.92
CA ALA A 3 17.89 -4.16 -16.82
C ALA A 3 16.47 -3.86 -17.32
N VAL A 4 15.48 -3.98 -16.44
CA VAL A 4 14.13 -3.59 -16.78
C VAL A 4 13.67 -2.56 -15.75
N GLN A 5 12.75 -1.70 -16.13
CA GLN A 5 12.18 -0.69 -15.20
CA GLN A 5 12.30 -0.70 -15.13
C GLN A 5 11.24 -1.30 -14.18
N LEU A 6 11.27 -0.82 -12.96
CA LEU A 6 10.34 -1.24 -11.93
C LEU A 6 9.82 -0.02 -11.18
N ARG A 7 8.52 0.03 -10.95
CA ARG A 7 7.86 1.07 -10.16
C ARG A 7 6.76 0.35 -9.36
N PHE A 8 6.06 1.09 -8.54
CA PHE A 8 5.01 0.51 -7.74
C PHE A 8 3.67 1.09 -8.08
N ASP A 9 2.67 0.27 -7.80
CA ASP A 9 1.27 0.61 -8.03
C ASP A 9 0.50 0.02 -6.87
N ASN A 10 -0.11 0.91 -6.06
CA ASN A 10 -0.81 0.54 -4.84
C ASN A 10 -2.08 -0.29 -5.07
N THR A 11 -2.55 -0.40 -6.30
CA THR A 11 -3.67 -1.28 -6.66
C THR A 11 -3.31 -2.67 -6.12
N TYR A 12 -2.07 -3.11 -6.29
CA TYR A 12 -1.65 -4.47 -5.91
C TYR A 12 -1.39 -4.71 -4.44
N ASP A 13 -1.34 -3.65 -3.67
CA ASP A 13 -1.07 -3.72 -2.22
C ASP A 13 -2.24 -4.23 -1.44
N ASN A 14 -3.38 -4.25 -2.09
CA ASN A 14 -4.63 -4.58 -1.43
C ASN A 14 -5.02 -6.05 -1.71
N ALA A 15 -4.94 -6.89 -0.67
CA ALA A 15 -5.16 -8.35 -0.77
C ALA A 15 -6.52 -8.73 -1.31
N SER A 16 -7.50 -7.89 -1.03
CA SER A 16 -8.86 -8.22 -1.37
C SER A 16 -9.23 -7.85 -2.81
N GLY A 17 -8.30 -7.26 -3.54
CA GLY A 17 -8.58 -6.94 -4.92
C GLY A 17 -8.89 -8.18 -5.77
N SER A 18 -9.88 -8.06 -6.63
CA SER A 18 -10.29 -9.14 -7.49
C SER A 18 -9.40 -9.30 -8.70
N MET A 19 -9.12 -10.54 -9.04
CA MET A 19 -8.37 -10.90 -10.22
C MET A 19 -9.12 -10.50 -11.51
N ASN A 20 -10.42 -10.26 -11.38
CA ASN A 20 -11.25 -9.79 -12.47
C ASN A 20 -11.01 -8.35 -12.89
N THR A 21 -10.21 -7.66 -12.10
CA THR A 21 -9.85 -6.25 -12.35
C THR A 21 -8.55 -6.09 -13.17
N VAL A 22 -7.89 -7.18 -13.52
CA VAL A 22 -6.62 -7.14 -14.24
C VAL A 22 -6.74 -7.88 -15.57
N ALA A 23 -5.72 -7.78 -16.39
CA ALA A 23 -5.71 -8.38 -17.68
C ALA A 23 -5.86 -9.90 -17.61
N CYS A 24 -5.28 -10.51 -16.59
CA CYS A 24 -5.27 -11.98 -16.42
C CYS A 24 -6.46 -12.49 -15.61
N SER A 25 -7.63 -12.10 -16.10
CA SER A 25 -8.86 -12.42 -15.45
C SER A 25 -9.41 -13.76 -15.97
N THR A 26 -10.07 -13.71 -17.09
CA THR A 26 -10.84 -14.74 -17.72
C THR A 26 -10.06 -15.34 -18.93
N GLY A 27 -10.65 -16.28 -19.65
CA GLY A 27 -10.04 -16.84 -20.85
C GLY A 27 -9.11 -18.00 -20.54
N ALA A 28 -8.54 -18.59 -21.56
CA ALA A 28 -7.74 -19.79 -21.37
C ALA A 28 -6.55 -19.56 -20.44
N ASN A 29 -5.93 -18.38 -20.57
CA ASN A 29 -4.75 -18.05 -19.74
C ASN A 29 -5.02 -17.21 -18.47
N GLY A 30 -6.29 -16.93 -18.21
CA GLY A 30 -6.66 -16.13 -17.07
C GLY A 30 -6.44 -16.81 -15.73
N LEU A 31 -6.23 -15.98 -14.72
CA LEU A 31 -5.93 -16.44 -13.40
C LEU A 31 -7.07 -16.44 -12.42
N SER A 32 -8.21 -15.88 -12.81
CA SER A 32 -9.31 -15.66 -11.86
C SER A 32 -9.83 -16.97 -11.23
N GLN A 33 -9.86 -18.05 -11.98
CA GLN A 33 -10.31 -19.32 -11.35
C GLN A 33 -9.31 -19.87 -10.33
N ARG A 34 -8.05 -19.80 -10.68
CA ARG A 34 -7.01 -20.24 -9.79
C ARG A 34 -6.86 -19.38 -8.55
N PHE A 35 -6.83 -18.08 -8.78
CA PHE A 35 -6.57 -17.09 -7.74
C PHE A 35 -7.57 -15.96 -7.81
N PRO A 36 -8.68 -16.09 -7.13
CA PRO A 36 -9.76 -15.10 -7.26
C PRO A 36 -9.41 -13.68 -6.78
N THR A 37 -8.50 -13.61 -5.84
CA THR A 37 -8.05 -12.35 -5.29
C THR A 37 -6.51 -12.21 -5.31
N PHE A 38 -6.06 -10.96 -5.25
CA PHE A 38 -4.64 -10.66 -5.26
C PHE A 38 -3.98 -11.40 -4.10
N GLY A 39 -4.62 -11.39 -2.93
CA GLY A 39 -4.05 -11.99 -1.74
C GLY A 39 -3.92 -13.51 -1.82
N SER A 40 -4.71 -14.15 -2.64
CA SER A 40 -4.59 -15.57 -2.90
C SER A 40 -3.40 -16.05 -3.75
N VAL A 41 -2.79 -15.13 -4.50
CA VAL A 41 -1.62 -15.51 -5.25
C VAL A 41 -0.55 -15.94 -4.20
N PRO A 42 0.12 -17.06 -4.42
CA PRO A 42 0.94 -17.62 -3.34
C PRO A 42 2.10 -16.73 -2.89
N THR A 43 2.57 -15.85 -3.74
CA THR A 43 3.69 -14.99 -3.41
C THR A 43 3.25 -13.62 -2.85
N PHE A 44 1.96 -13.41 -2.66
CA PHE A 44 1.48 -12.09 -2.31
C PHE A 44 2.23 -11.64 -1.04
N PRO A 45 2.70 -10.40 -0.99
CA PRO A 45 2.38 -9.28 -1.90
C PRO A 45 3.38 -9.14 -3.04
N HIS A 46 4.12 -10.19 -3.33
CA HIS A 46 5.02 -10.15 -4.48
C HIS A 46 4.22 -10.44 -5.74
N ILE A 47 3.48 -9.42 -6.16
CA ILE A 47 2.66 -9.50 -7.37
C ILE A 47 2.74 -8.17 -8.12
N GLY A 48 2.46 -8.22 -9.41
CA GLY A 48 2.46 -7.00 -10.17
C GLY A 48 2.12 -7.18 -11.64
N ALA A 49 2.19 -6.05 -12.34
CA ALA A 49 2.02 -6.00 -13.77
C ALA A 49 3.40 -6.13 -14.45
N SER A 50 3.44 -6.69 -15.65
CA SER A 50 4.64 -6.76 -16.47
C SER A 50 4.30 -6.46 -17.94
N SER A 51 5.23 -5.83 -18.63
CA SER A 51 5.14 -5.61 -20.08
C SER A 51 5.21 -6.90 -20.86
N ASP A 52 5.62 -7.98 -20.21
CA ASP A 52 5.59 -9.31 -20.82
C ASP A 52 4.15 -9.75 -21.10
N ILE A 53 3.23 -9.23 -20.31
CA ILE A 53 1.83 -9.52 -20.47
C ILE A 53 1.22 -8.42 -21.37
N GLY A 54 0.93 -8.80 -22.59
CA GLY A 54 0.37 -7.91 -23.61
C GLY A 54 -1.01 -7.41 -23.24
N GLY A 55 -1.78 -8.23 -22.58
CA GLY A 55 -3.16 -7.94 -22.28
C GLY A 55 -3.88 -9.24 -22.01
N PHE A 56 -5.20 -9.22 -22.23
CA PHE A 56 -6.08 -10.35 -21.98
C PHE A 56 -5.60 -11.60 -22.65
N ASN A 57 -5.66 -12.70 -21.91
CA ASN A 57 -5.37 -14.03 -22.39
C ASN A 57 -3.91 -14.22 -22.78
N SER A 58 -3.04 -13.40 -22.21
CA SER A 58 -1.64 -13.54 -22.55
C SER A 58 -1.12 -14.87 -22.02
N PRO A 59 -0.29 -15.57 -22.78
CA PRO A 59 0.34 -16.78 -22.23
C PRO A 59 1.36 -16.46 -21.14
N ALA A 60 1.70 -15.18 -20.95
CA ALA A 60 2.62 -14.77 -19.90
C ALA A 60 1.90 -14.50 -18.55
N CYS A 61 0.59 -14.62 -18.55
CA CYS A 61 -0.18 -14.52 -17.31
C CYS A 61 0.26 -15.61 -16.34
N GLY A 62 0.66 -15.18 -15.16
CA GLY A 62 1.16 -16.10 -14.14
C GLY A 62 2.67 -16.32 -14.15
N ASN A 63 3.39 -15.66 -15.04
CA ASN A 63 4.81 -15.85 -15.05
C ASN A 63 5.45 -15.46 -13.73
N CYS A 64 6.45 -16.23 -13.37
CA CYS A 64 7.17 -16.08 -12.14
C CYS A 64 8.58 -15.57 -12.44
N TYR A 65 8.95 -14.47 -11.80
CA TYR A 65 10.21 -13.80 -12.02
C TYR A 65 10.99 -13.63 -10.73
N THR A 66 12.27 -13.89 -10.81
CA THR A 66 13.18 -13.56 -9.73
C THR A 66 13.73 -12.21 -10.11
N ILE A 67 13.42 -11.24 -9.27
CA ILE A 67 13.77 -9.83 -9.49
C ILE A 67 14.82 -9.44 -8.45
N SER A 68 15.90 -8.84 -8.91
CA SER A 68 17.06 -8.47 -8.12
CA SER A 68 17.00 -8.46 -8.04
C SER A 68 17.41 -6.98 -8.23
N PHE A 69 17.80 -6.39 -7.12
CA PHE A 69 18.22 -4.99 -7.05
C PHE A 69 19.30 -4.82 -6.00
N THR A 70 20.34 -4.07 -6.36
CA THR A 70 21.43 -3.75 -5.47
C THR A 70 21.28 -2.31 -4.97
N PHE A 71 21.15 -2.16 -3.68
CA PHE A 71 20.98 -0.85 -3.04
C PHE A 71 21.80 -0.78 -1.72
N GLN A 72 22.55 0.30 -1.57
CA GLN A 72 23.37 0.48 -0.38
C GLN A 72 24.30 -0.74 -0.14
N GLY A 73 24.84 -1.31 -1.20
CA GLY A 73 25.81 -2.38 -1.13
C GLY A 73 25.28 -3.78 -0.82
N VAL A 74 23.98 -3.96 -0.91
CA VAL A 74 23.32 -5.24 -0.64
C VAL A 74 22.42 -5.57 -1.83
N THR A 75 22.54 -6.77 -2.36
CA THR A 75 21.68 -7.25 -3.41
C THR A 75 20.54 -8.04 -2.79
N ARG A 76 19.35 -7.65 -3.18
CA ARG A 76 18.10 -8.21 -2.66
C ARG A 76 17.28 -8.74 -3.83
N SER A 77 16.68 -9.89 -3.63
CA SER A 77 15.90 -10.58 -4.66
CA SER A 77 15.86 -10.49 -4.67
C SER A 77 14.59 -11.12 -4.05
N ILE A 78 13.54 -11.05 -4.85
CA ILE A 78 12.24 -11.63 -4.56
C ILE A 78 11.74 -12.39 -5.77
N ASN A 79 10.86 -13.33 -5.51
CA ASN A 79 10.10 -13.98 -6.52
C ASN A 79 8.68 -13.42 -6.60
N LEU A 80 8.26 -13.11 -7.81
CA LEU A 80 7.09 -12.32 -8.05
C LEU A 80 6.25 -12.89 -9.18
N VAL A 81 4.93 -12.85 -9.04
CA VAL A 81 4.02 -13.32 -10.09
C VAL A 81 3.44 -12.14 -10.83
N ALA A 82 3.52 -12.22 -12.13
CA ALA A 82 2.91 -11.22 -13.00
C ALA A 82 1.47 -11.59 -13.35
N ILE A 83 0.59 -10.67 -13.06
CA ILE A 83 -0.85 -10.86 -13.25
C ILE A 83 -1.60 -9.82 -14.12
N ASP A 84 -0.87 -8.88 -14.68
CA ASP A 84 -1.51 -7.75 -15.36
C ASP A 84 -0.52 -7.21 -16.38
N HIS A 85 -1.02 -6.41 -17.31
CA HIS A 85 -0.22 -5.70 -18.29
C HIS A 85 0.40 -4.41 -17.70
N ALA A 86 1.67 -4.17 -18.00
CA ALA A 86 2.34 -2.90 -17.72
C ALA A 86 2.84 -2.39 -19.06
N GLY A 87 2.93 -1.07 -19.18
CA GLY A 87 3.48 -0.47 -20.36
C GLY A 87 4.98 -0.64 -20.51
N ASN A 88 5.69 -0.75 -19.42
CA ASN A 88 7.16 -0.75 -19.47
C ASN A 88 7.80 -1.43 -18.24
N GLY A 89 8.28 -2.64 -18.39
CA GLY A 89 8.78 -3.41 -17.25
C GLY A 89 7.70 -3.79 -16.22
N PHE A 90 8.02 -3.59 -14.96
CA PHE A 90 7.13 -4.03 -13.88
C PHE A 90 6.46 -2.89 -13.13
N ASN A 91 5.19 -3.04 -12.85
CA ASN A 91 4.52 -2.24 -11.85
C ASN A 91 4.07 -3.18 -10.71
N VAL A 92 4.69 -3.04 -9.56
CA VAL A 92 4.49 -3.98 -8.47
C VAL A 92 3.86 -3.39 -7.22
N ALA A 93 3.41 -4.25 -6.31
CA ALA A 93 2.86 -3.73 -5.06
C ALA A 93 3.97 -2.93 -4.37
N GLN A 94 3.59 -1.86 -3.70
CA GLN A 94 4.59 -1.08 -2.99
C GLN A 94 5.31 -2.01 -2.00
N ALA A 95 4.61 -2.91 -1.36
CA ALA A 95 5.24 -3.74 -0.36
C ALA A 95 6.38 -4.57 -0.97
N ALA A 96 6.19 -5.04 -2.18
CA ALA A 96 7.20 -5.76 -2.90
C ALA A 96 8.39 -4.91 -3.24
N MET A 97 8.18 -3.70 -3.74
CA MET A 97 9.25 -2.77 -4.01
C MET A 97 9.98 -2.41 -2.71
N ASP A 98 9.23 -2.26 -1.63
CA ASP A 98 9.89 -1.98 -0.38
C ASP A 98 10.82 -3.12 0.06
N GLU A 99 10.40 -4.35 -0.13
CA GLU A 99 11.24 -5.49 0.22
C GLU A 99 12.51 -5.53 -0.66
N LEU A 100 12.35 -5.19 -1.93
CA LEU A 100 13.40 -5.17 -2.89
C LEU A 100 14.43 -4.13 -2.59
N THR A 101 14.03 -3.06 -1.91
CA THR A 101 14.84 -1.88 -1.72
C THR A 101 15.11 -1.53 -0.24
N ASN A 102 14.89 -2.45 0.67
CA ASN A 102 15.01 -2.24 2.10
C ASN A 102 14.16 -1.07 2.60
N GLY A 103 12.93 -0.97 2.09
CA GLY A 103 12.02 0.07 2.52
C GLY A 103 12.17 1.42 1.90
N ASN A 104 12.62 1.48 0.65
CA ASN A 104 12.86 2.70 -0.08
C ASN A 104 12.01 2.90 -1.36
N ALA A 105 10.86 2.24 -1.40
CA ALA A 105 10.05 2.28 -2.60
C ALA A 105 9.54 3.65 -2.97
N VAL A 106 8.94 4.31 -2.00
CA VAL A 106 8.45 5.67 -2.21
C VAL A 106 9.59 6.65 -2.46
N ALA A 107 10.66 6.48 -1.69
CA ALA A 107 11.83 7.35 -1.82
C ALA A 107 12.50 7.24 -3.20
N LEU A 108 12.58 6.03 -3.72
CA LEU A 108 13.10 5.83 -5.08
C LEU A 108 12.17 6.10 -6.28
N GLY A 109 10.95 5.66 -6.12
CA GLY A 109 9.91 5.76 -7.14
C GLY A 109 9.99 4.83 -8.32
N THR A 110 11.02 4.98 -9.15
CA THR A 110 11.33 4.12 -10.28
C THR A 110 12.81 3.66 -10.25
N ILE A 111 13.06 2.39 -10.44
CA ILE A 111 14.39 1.80 -10.40
C ILE A 111 14.61 0.87 -11.60
N ASP A 112 15.87 0.56 -11.85
CA ASP A 112 16.24 -0.44 -12.84
C ASP A 112 16.59 -1.73 -12.10
N VAL A 113 15.96 -2.81 -12.48
CA VAL A 113 16.20 -4.10 -11.83
C VAL A 113 16.69 -5.13 -12.81
N GLN A 114 17.26 -6.20 -12.28
CA GLN A 114 17.54 -7.37 -13.06
C GLN A 114 16.38 -8.37 -12.85
N SER A 115 15.92 -8.94 -13.94
CA SER A 115 14.80 -9.85 -13.89
C SER A 115 15.14 -11.12 -14.68
N GLN A 116 14.82 -12.24 -14.07
CA GLN A 116 14.98 -13.54 -14.67
C GLN A 116 13.69 -14.35 -14.47
N GLN A 117 13.00 -14.74 -15.51
CA GLN A 117 11.93 -15.70 -15.34
C GLN A 117 12.46 -17.02 -14.82
N VAL A 118 11.70 -17.63 -13.94
CA VAL A 118 11.94 -18.94 -13.39
C VAL A 118 10.68 -19.79 -13.56
N ALA A 119 10.76 -21.04 -13.15
CA ALA A 119 9.64 -21.94 -13.29
C ALA A 119 8.44 -21.43 -12.49
N ARG A 120 7.26 -21.73 -13.01
CA ARG A 120 6.01 -21.29 -12.43
C ARG A 120 5.94 -21.80 -10.99
N SER A 121 6.46 -23.00 -10.79
CA SER A 121 6.41 -23.66 -9.47
C SER A 121 7.17 -22.91 -8.38
N VAL A 122 8.17 -22.13 -8.76
CA VAL A 122 8.92 -21.33 -7.77
C VAL A 122 8.00 -20.36 -7.02
N CYS A 123 6.98 -19.88 -7.71
CA CYS A 123 5.99 -18.99 -7.16
C CYS A 123 4.72 -19.71 -6.71
N GLY A 124 4.71 -21.03 -6.75
CA GLY A 124 3.57 -21.80 -6.34
C GLY A 124 2.52 -21.97 -7.44
N LEU A 125 2.89 -21.75 -8.69
CA LEU A 125 1.95 -21.86 -9.83
C LEU A 125 2.24 -23.10 -10.73
N GLY B 2 -10.63 -3.66 2.13
CA GLY B 2 -10.11 -4.43 3.25
C GLY B 2 -10.67 -4.02 4.61
N ALA B 3 -11.11 -4.99 5.41
CA ALA B 3 -11.75 -4.74 6.67
C ALA B 3 -10.70 -4.52 7.78
N VAL B 4 -10.81 -3.42 8.50
CA VAL B 4 -9.80 -3.00 9.47
C VAL B 4 -10.47 -2.33 10.69
N GLN B 5 -9.91 -2.47 11.88
CA GLN B 5 -10.42 -1.76 13.03
C GLN B 5 -10.02 -0.28 12.98
N LEU B 6 -10.86 0.58 13.54
CA LEU B 6 -10.51 1.97 13.72
C LEU B 6 -10.99 2.48 15.05
N ARG B 7 -10.14 3.23 15.74
CA ARG B 7 -10.47 3.90 17.00
C ARG B 7 -9.85 5.29 16.98
N PHE B 8 -9.98 6.04 18.06
CA PHE B 8 -9.45 7.37 18.12
C PHE B 8 -8.31 7.53 19.13
N ASP B 9 -7.43 8.47 18.83
CA ASP B 9 -6.39 8.91 19.71
C ASP B 9 -6.35 10.42 19.60
N ASN B 10 -6.67 11.08 20.70
CA ASN B 10 -6.77 12.52 20.76
C ASN B 10 -5.43 13.25 20.60
N THR B 11 -4.33 12.55 20.70
CA THR B 11 -3.10 13.27 20.46
C THR B 11 -3.04 13.83 19.03
N TYR B 12 -3.71 13.16 18.10
CA TYR B 12 -3.67 13.57 16.69
C TYR B 12 -4.64 14.71 16.36
N ASP B 13 -5.45 15.11 17.34
CA ASP B 13 -6.43 16.17 17.21
C ASP B 13 -5.86 17.58 17.33
N ASN B 14 -4.66 17.61 17.85
CA ASN B 14 -3.97 18.86 18.09
C ASN B 14 -3.16 19.28 16.90
N ALA B 15 -3.62 20.34 16.26
CA ALA B 15 -2.99 20.79 15.03
C ALA B 15 -1.56 21.18 15.26
N SER B 16 -1.22 21.60 16.47
CA SER B 16 0.07 22.09 16.83
CA SER B 16 0.07 22.06 16.87
C SER B 16 1.00 20.87 17.22
N GLY B 17 0.46 19.67 17.26
CA GLY B 17 1.26 18.55 17.71
C GLY B 17 2.46 18.32 16.82
N SER B 18 3.60 18.04 17.44
CA SER B 18 4.82 17.83 16.71
C SER B 18 4.89 16.49 16.01
N MET B 19 5.29 16.54 14.75
CA MET B 19 5.52 15.33 13.97
C MET B 19 6.77 14.52 14.38
N ASN B 20 7.54 15.11 15.27
CA ASN B 20 8.70 14.46 15.84
C ASN B 20 8.31 13.64 17.09
N THR B 21 7.04 13.64 17.43
CA THR B 21 6.48 12.81 18.52
C THR B 21 5.89 11.49 18.09
N VAL B 22 5.96 11.19 16.82
CA VAL B 22 5.39 9.99 16.27
C VAL B 22 6.49 9.22 15.56
N ALA B 23 6.19 8.00 15.13
CA ALA B 23 7.18 7.17 14.52
C ALA B 23 7.74 7.76 13.24
N CYS B 24 6.88 8.37 12.46
CA CYS B 24 7.27 8.93 11.16
C CYS B 24 7.83 10.36 11.27
N SER B 25 8.90 10.47 12.01
CA SER B 25 9.52 11.76 12.30
C SER B 25 10.58 12.03 11.22
N THR B 26 11.82 11.76 11.57
CA THR B 26 12.99 11.89 10.69
C THR B 26 13.27 10.57 9.97
N GLY B 27 14.43 10.47 9.36
CA GLY B 27 14.82 9.37 8.51
C GLY B 27 14.32 9.61 7.09
N ALA B 28 14.78 8.81 6.16
CA ALA B 28 14.45 9.00 4.75
C ALA B 28 12.94 8.89 4.53
N ASN B 29 12.29 8.07 5.33
CA ASN B 29 10.84 7.88 5.21
C ASN B 29 9.95 8.75 6.13
N GLY B 30 10.59 9.58 6.92
CA GLY B 30 9.93 10.43 7.88
C GLY B 30 9.19 11.58 7.26
N LEU B 31 8.27 12.15 8.04
CA LEU B 31 7.36 13.18 7.58
C LEU B 31 7.61 14.53 8.18
N SER B 32 8.32 14.55 9.27
CA SER B 32 8.47 15.79 10.05
C SER B 32 9.17 16.94 9.33
N GLN B 33 10.13 16.66 8.47
CA GLN B 33 10.79 17.78 7.78
C GLN B 33 9.82 18.50 6.82
N ARG B 34 9.04 17.73 6.07
CA ARG B 34 7.97 18.29 5.25
C ARG B 34 6.83 18.93 6.07
N PHE B 35 6.41 18.21 7.10
CA PHE B 35 5.22 18.53 7.85
C PHE B 35 5.59 18.57 9.35
N PRO B 36 6.05 19.72 9.85
CA PRO B 36 6.54 19.75 11.23
C PRO B 36 5.47 19.47 12.29
N THR B 37 4.25 19.80 11.96
CA THR B 37 3.14 19.67 12.89
C THR B 37 1.99 18.86 12.23
N PHE B 38 1.14 18.30 13.06
CA PHE B 38 0.02 17.49 12.56
C PHE B 38 -0.88 18.33 11.64
N GLY B 39 -1.12 19.58 12.04
CA GLY B 39 -1.93 20.50 11.27
C GLY B 39 -1.42 20.78 9.85
N SER B 40 -0.12 20.62 9.64
CA SER B 40 0.55 20.91 8.37
C SER B 40 0.41 19.77 7.39
N VAL B 41 -0.02 18.60 7.84
CA VAL B 41 -0.21 17.52 6.88
C VAL B 41 -1.43 17.86 6.03
N PRO B 42 -1.37 17.68 4.72
CA PRO B 42 -2.41 18.21 3.84
C PRO B 42 -3.81 17.66 4.10
N THR B 43 -3.93 16.46 4.64
CA THR B 43 -5.20 15.82 4.93
C THR B 43 -5.78 16.11 6.34
N PHE B 44 -5.05 16.89 7.15
CA PHE B 44 -5.43 17.05 8.56
C PHE B 44 -6.86 17.54 8.63
N PRO B 45 -7.69 16.94 9.45
CA PRO B 45 -7.37 16.03 10.55
C PRO B 45 -7.43 14.56 10.18
N HIS B 46 -7.37 14.26 8.90
CA HIS B 46 -7.36 12.88 8.47
C HIS B 46 -5.93 12.31 8.51
N ILE B 47 -5.51 12.06 9.75
CA ILE B 47 -4.20 11.50 10.10
C ILE B 47 -4.40 10.49 11.19
N GLY B 48 -3.50 9.55 11.25
CA GLY B 48 -3.57 8.56 12.30
C GLY B 48 -2.42 7.60 12.25
N ALA B 49 -2.44 6.75 13.25
CA ALA B 49 -1.56 5.61 13.34
C ALA B 49 -2.16 4.40 12.63
N SER B 50 -1.30 3.55 12.14
CA SER B 50 -1.69 2.33 11.49
C SER B 50 -0.77 1.19 11.90
N SER B 51 -1.33 0.00 11.96
CA SER B 51 -0.54 -1.18 12.22
C SER B 51 0.38 -1.55 11.05
N ASP B 52 0.19 -0.92 9.89
CA ASP B 52 1.08 -1.03 8.75
C ASP B 52 2.46 -0.40 9.03
N ILE B 53 2.50 0.52 9.97
CA ILE B 53 3.73 1.19 10.36
C ILE B 53 4.25 0.50 11.64
N GLY B 54 5.37 -0.18 11.47
CA GLY B 54 6.10 -0.82 12.55
C GLY B 54 6.78 0.06 13.59
N GLY B 55 7.31 1.18 13.17
CA GLY B 55 8.17 2.01 13.99
C GLY B 55 8.96 3.01 13.13
N PHE B 56 10.06 3.52 13.68
CA PHE B 56 10.81 4.58 13.04
C PHE B 56 11.28 4.18 11.64
N ASN B 57 11.11 5.11 10.73
CA ASN B 57 11.53 4.96 9.33
C ASN B 57 10.79 3.87 8.54
N SER B 58 9.60 3.49 9.00
CA SER B 58 8.80 2.50 8.30
C SER B 58 8.53 2.98 6.88
N PRO B 59 8.58 2.06 5.92
CA PRO B 59 8.28 2.41 4.53
C PRO B 59 6.81 2.81 4.33
N ALA B 60 5.97 2.44 5.28
CA ALA B 60 4.54 2.79 5.29
C ALA B 60 4.27 4.17 5.86
N CYS B 61 5.28 4.84 6.38
CA CYS B 61 5.09 6.20 6.82
C CYS B 61 4.69 7.06 5.64
N GLY B 62 3.62 7.80 5.81
CA GLY B 62 3.08 8.61 4.74
C GLY B 62 2.15 7.93 3.76
N ASN B 63 1.88 6.67 4.00
CA ASN B 63 0.93 5.94 3.15
C ASN B 63 -0.44 6.61 3.27
N CYS B 64 -1.17 6.53 2.17
CA CYS B 64 -2.48 7.14 2.01
C CYS B 64 -3.54 6.07 1.91
N TYR B 65 -4.59 6.20 2.72
CA TYR B 65 -5.69 5.25 2.75
C TYR B 65 -7.02 5.94 2.55
N THR B 66 -7.83 5.34 1.69
CA THR B 66 -9.23 5.75 1.60
C THR B 66 -10.00 4.85 2.56
N ILE B 67 -10.61 5.47 3.54
CA ILE B 67 -11.25 4.77 4.65
C ILE B 67 -12.72 5.12 4.59
N SER B 68 -13.57 4.10 4.58
CA SER B 68 -15.01 4.36 4.54
CA SER B 68 -15.04 4.23 4.42
C SER B 68 -15.83 3.56 5.58
N PHE B 69 -16.93 4.17 5.99
CA PHE B 69 -17.80 3.57 6.98
C PHE B 69 -19.22 3.94 6.57
N THR B 70 -20.13 2.99 6.76
CA THR B 70 -21.53 3.24 6.47
C THR B 70 -22.30 3.28 7.79
N PHE B 71 -22.96 4.39 8.04
CA PHE B 71 -23.68 4.67 9.28
C PHE B 71 -25.05 5.23 8.88
N GLN B 72 -26.03 4.39 9.17
CA GLN B 72 -27.43 4.66 8.96
C GLN B 72 -27.81 5.21 7.60
N GLY B 73 -27.43 4.41 6.61
CA GLY B 73 -27.74 4.58 5.21
C GLY B 73 -26.91 5.61 4.47
N VAL B 74 -25.94 6.20 5.15
CA VAL B 74 -24.98 7.09 4.49
C VAL B 74 -23.56 6.52 4.58
N THR B 75 -22.86 6.46 3.48
CA THR B 75 -21.49 6.00 3.48
C THR B 75 -20.59 7.20 3.42
N ARG B 76 -19.64 7.24 4.34
CA ARG B 76 -18.76 8.38 4.53
C ARG B 76 -17.33 7.90 4.38
N SER B 77 -16.56 8.68 3.63
CA SER B 77 -15.14 8.32 3.45
CA SER B 77 -15.15 8.33 3.27
C SER B 77 -14.21 9.51 3.52
N ILE B 78 -12.98 9.20 3.92
CA ILE B 78 -11.91 10.18 4.01
C ILE B 78 -10.64 9.58 3.44
N ASN B 79 -9.76 10.45 3.00
CA ASN B 79 -8.40 10.06 2.60
C ASN B 79 -7.42 10.46 3.70
N LEU B 80 -6.80 9.46 4.31
CA LEU B 80 -6.03 9.61 5.52
C LEU B 80 -4.56 9.24 5.33
N VAL B 81 -3.69 10.05 5.94
CA VAL B 81 -2.23 9.77 5.92
C VAL B 81 -1.85 9.14 7.25
N ALA B 82 -1.20 8.00 7.13
CA ALA B 82 -0.67 7.27 8.27
C ALA B 82 0.71 7.80 8.69
N ILE B 83 0.81 8.17 9.95
CA ILE B 83 1.96 8.89 10.49
C ILE B 83 2.62 8.27 11.73
N ASP B 84 2.08 7.16 12.21
CA ASP B 84 2.51 6.55 13.45
C ASP B 84 2.11 5.08 13.47
N HIS B 85 2.75 4.40 14.40
CA HIS B 85 2.48 3.00 14.73
C HIS B 85 1.26 2.83 15.59
N ALA B 86 0.43 1.89 15.15
CA ALA B 86 -0.69 1.36 15.96
C ALA B 86 -0.59 -0.16 16.04
N GLY B 87 -1.17 -0.68 17.11
CA GLY B 87 -1.19 -2.12 17.31
C GLY B 87 -2.08 -2.95 16.40
N ASN B 88 -3.26 -2.41 16.12
CA ASN B 88 -4.30 -3.10 15.37
C ASN B 88 -5.12 -2.12 14.58
N GLY B 89 -4.97 -2.13 13.28
CA GLY B 89 -5.69 -1.18 12.41
C GLY B 89 -5.29 0.28 12.64
N PHE B 90 -6.28 1.16 12.67
CA PHE B 90 -6.06 2.62 12.71
C PHE B 90 -6.42 3.24 14.04
N ASN B 91 -5.56 4.11 14.54
CA ASN B 91 -5.90 5.01 15.63
C ASN B 91 -5.83 6.41 15.03
N VAL B 92 -6.96 7.04 14.87
CA VAL B 92 -7.06 8.29 14.13
C VAL B 92 -7.48 9.44 15.04
N ALA B 93 -7.33 10.65 14.53
CA ALA B 93 -7.83 11.78 15.26
C ALA B 93 -9.30 11.59 15.53
N GLN B 94 -9.75 12.02 16.70
CA GLN B 94 -11.16 11.86 16.98
C GLN B 94 -12.02 12.60 15.94
N ALA B 95 -11.52 13.71 15.43
CA ALA B 95 -12.25 14.48 14.45
C ALA B 95 -12.51 13.64 13.20
N ALA B 96 -11.54 12.86 12.78
CA ALA B 96 -11.73 11.97 11.66
C ALA B 96 -12.76 10.83 11.92
N MET B 97 -12.71 10.25 13.10
CA MET B 97 -13.70 9.27 13.48
C MET B 97 -15.10 9.86 13.60
N ASP B 98 -15.20 11.06 14.14
CA ASP B 98 -16.49 11.76 14.22
C ASP B 98 -17.02 12.03 12.80
N GLU B 99 -16.17 12.45 11.88
CA GLU B 99 -16.61 12.66 10.48
C GLU B 99 -17.11 11.36 9.85
N LEU B 100 -16.41 10.26 10.08
CA LEU B 100 -16.76 8.98 9.54
C LEU B 100 -18.09 8.43 10.11
N THR B 101 -18.43 8.86 11.31
CA THR B 101 -19.56 8.32 12.02
C THR B 101 -20.69 9.33 12.28
N ASN B 102 -20.63 10.50 11.69
CA ASN B 102 -21.59 11.53 11.95
C ASN B 102 -21.69 11.88 13.45
N GLY B 103 -20.55 12.02 14.11
CA GLY B 103 -20.54 12.42 15.50
C GLY B 103 -20.63 11.36 16.56
N ASN B 104 -20.33 10.14 16.21
CA ASN B 104 -20.46 9.03 17.11
C ASN B 104 -19.17 8.38 17.61
N ALA B 105 -18.07 9.11 17.53
CA ALA B 105 -16.79 8.53 17.90
C ALA B 105 -16.69 8.06 19.37
N VAL B 106 -17.11 8.91 20.30
CA VAL B 106 -17.16 8.50 21.70
C VAL B 106 -18.14 7.39 22.02
N ALA B 107 -19.35 7.46 21.49
CA ALA B 107 -20.34 6.40 21.70
C ALA B 107 -19.98 5.03 21.16
N LEU B 108 -19.45 5.01 19.94
CA LEU B 108 -19.05 3.76 19.34
C LEU B 108 -17.74 3.16 19.90
N GLY B 109 -16.76 4.03 20.10
CA GLY B 109 -15.44 3.71 20.64
C GLY B 109 -14.47 3.07 19.65
N THR B 110 -14.86 1.97 19.09
CA THR B 110 -14.14 1.31 18.02
C THR B 110 -15.18 0.93 16.96
N ILE B 111 -14.77 0.98 15.71
CA ILE B 111 -15.59 0.58 14.59
C ILE B 111 -14.79 -0.28 13.62
N ASP B 112 -15.50 -0.93 12.72
CA ASP B 112 -14.93 -1.70 11.66
C ASP B 112 -15.15 -0.91 10.35
N VAL B 113 -14.06 -0.62 9.67
CA VAL B 113 -14.08 0.20 8.48
C VAL B 113 -13.52 -0.59 7.30
N GLN B 114 -13.77 -0.05 6.12
CA GLN B 114 -13.13 -0.51 4.91
C GLN B 114 -12.00 0.45 4.59
N SER B 115 -10.88 -0.11 4.20
CA SER B 115 -9.68 0.64 3.92
C SER B 115 -9.05 0.14 2.62
N GLN B 116 -8.67 1.07 1.76
CA GLN B 116 -7.90 0.80 0.55
C GLN B 116 -6.66 1.73 0.54
N GLN B 117 -5.48 1.15 0.40
CA GLN B 117 -4.30 1.95 0.18
C GLN B 117 -4.29 2.51 -1.24
N VAL B 118 -4.03 3.79 -1.37
CA VAL B 118 -4.08 4.48 -2.63
C VAL B 118 -2.84 5.33 -2.80
N ALA B 119 -2.68 5.92 -3.96
CA ALA B 119 -1.49 6.71 -4.20
C ALA B 119 -1.45 7.91 -3.26
N ARG B 120 -0.24 8.30 -2.90
CA ARG B 120 0.03 9.39 -2.00
C ARG B 120 -0.50 10.72 -2.52
N SER B 121 -0.56 10.85 -3.84
CA SER B 121 -1.09 12.06 -4.48
C SER B 121 -2.56 12.29 -4.04
N VAL B 122 -3.29 11.24 -3.73
CA VAL B 122 -4.66 11.41 -3.28
C VAL B 122 -4.72 12.22 -1.99
N CYS B 123 -3.69 12.03 -1.17
CA CYS B 123 -3.55 12.72 0.11
C CYS B 123 -2.74 13.99 0.00
N GLY B 124 -2.40 14.39 -1.21
CA GLY B 124 -1.59 15.56 -1.46
C GLY B 124 -0.15 15.48 -1.02
N LEU B 125 0.43 14.28 -1.03
CA LEU B 125 1.84 14.04 -0.75
C LEU B 125 2.57 13.60 -2.00
#